data_9HLR
#
_entry.id   9HLR
#
_cell.length_a   85.016
_cell.length_b   85.016
_cell.length_c   91.624
_cell.angle_alpha   90.00
_cell.angle_beta   90.00
_cell.angle_gamma   120.00
#
_symmetry.space_group_name_H-M   'P 31 2 1'
#
loop_
_entity.id
_entity.type
_entity.pdbx_description
1 polymer 'Telomeric repeat-binding factor 1'
2 non-polymer GLYCEROL
3 non-polymer 2-(difluoromethoxy)benzene-1-sulfonamide
4 non-polymer 'DIMETHYL SULFOXIDE'
5 water water
#
_entity_poly.entity_id   1
_entity_poly.type   'polypeptide(L)'
_entity_poly.pdbx_seq_one_letter_code
;SNAQVQVGAPEEEEEEEEDAGLVAEAEAVAAGWMLDFLCLSLCRAFRDGRSEDFRRTRNSAEAIIHGLSSLTACQLRTIY
ICQFLTRIAAGKTLDAQFENDERITPLESALMIWGSIEKEHDKLHEEIQNLIKIQAIAVCMENGNFKEAEEVFERIFGDP
NSHMPFKSKLLMIISQKDTFHSFFQHFSYNHMMEKIKSYVNYVLSEKSSTFLMKAAAKVVESKR
;
_entity_poly.pdbx_strand_id   A
#
loop_
_chem_comp.id
_chem_comp.type
_chem_comp.name
_chem_comp.formula
DMS non-polymer 'DIMETHYL SULFOXIDE' 'C2 H6 O S'
GOL non-polymer GLYCEROL 'C3 H8 O3'
LL0 non-polymer 2-(difluoromethoxy)benzene-1-sulfonamide 'C7 H7 F2 N O3 S'
#
# COMPACT_ATOMS: atom_id res chain seq x y z
N GLU A 18 -3.94 39.64 -15.68
CA GLU A 18 -3.88 38.20 -15.39
C GLU A 18 -3.76 37.96 -13.89
N ASP A 19 -4.83 37.46 -13.24
CA ASP A 19 -4.79 37.20 -11.80
C ASP A 19 -4.05 35.92 -11.50
N ALA A 20 -2.78 36.06 -11.09
CA ALA A 20 -1.91 34.94 -10.72
C ALA A 20 -2.46 34.11 -9.57
N GLY A 21 -3.28 34.72 -8.70
CA GLY A 21 -3.89 34.03 -7.58
C GLY A 21 -5.00 33.10 -8.03
N LEU A 22 -5.79 33.54 -9.04
CA LEU A 22 -6.86 32.73 -9.63
C LEU A 22 -6.27 31.56 -10.43
N VAL A 23 -5.14 31.79 -11.12
CA VAL A 23 -4.45 30.79 -11.91
C VAL A 23 -3.83 29.78 -10.96
N ALA A 24 -3.18 30.25 -9.87
CA ALA A 24 -2.60 29.34 -8.88
C ALA A 24 -3.68 28.46 -8.24
N GLU A 25 -4.87 29.04 -7.94
CA GLU A 25 -6.01 28.32 -7.38
C GLU A 25 -6.51 27.26 -8.35
N ALA A 26 -6.58 27.60 -9.64
CA ALA A 26 -6.98 26.67 -10.70
C ALA A 26 -5.98 25.50 -10.81
N GLU A 27 -4.69 25.80 -10.67
CA GLU A 27 -3.64 24.78 -10.72
C GLU A 27 -3.71 23.82 -9.53
N ALA A 28 -4.17 24.30 -8.37
CA ALA A 28 -4.33 23.48 -7.18
C ALA A 28 -5.58 22.59 -7.30
N VAL A 29 -6.68 23.12 -7.94
CA VAL A 29 -7.91 22.35 -8.18
C VAL A 29 -7.57 21.18 -9.11
N ALA A 30 -6.84 21.47 -10.20
CA ALA A 30 -6.41 20.47 -11.17
C ALA A 30 -5.41 19.48 -10.56
N ALA A 31 -4.61 19.91 -9.59
CA ALA A 31 -3.67 19.00 -8.91
C ALA A 31 -4.44 17.98 -8.05
N GLY A 32 -5.51 18.43 -7.41
CA GLY A 32 -6.38 17.57 -6.60
C GLY A 32 -7.12 16.57 -7.46
N TRP A 33 -7.48 16.99 -8.69
CA TRP A 33 -8.15 16.17 -9.68
C TRP A 33 -7.21 15.10 -10.20
N MET A 34 -5.94 15.44 -10.42
CA MET A 34 -4.93 14.51 -10.89
C MET A 34 -4.57 13.51 -9.79
N LEU A 35 -4.50 13.95 -8.54
CA LEU A 35 -4.20 13.06 -7.42
C LEU A 35 -5.26 11.91 -7.32
N ASP A 36 -6.56 12.27 -7.35
CA ASP A 36 -7.62 11.28 -7.24
C ASP A 36 -7.60 10.36 -8.44
N PHE A 37 -7.36 10.91 -9.65
CA PHE A 37 -7.29 10.12 -10.88
C PHE A 37 -6.16 9.09 -10.79
N LEU A 38 -4.98 9.52 -10.32
CA LEU A 38 -3.82 8.67 -10.21
C LEU A 38 -3.94 7.65 -9.10
N CYS A 39 -4.68 7.97 -8.02
CA CYS A 39 -4.91 6.98 -6.96
C CYS A 39 -5.77 5.84 -7.51
N LEU A 40 -6.83 6.18 -8.27
CA LEU A 40 -7.72 5.21 -8.92
C LEU A 40 -6.91 4.28 -9.82
N SER A 41 -6.00 4.88 -10.61
CA SER A 41 -5.18 4.15 -11.54
C SER A 41 -4.19 3.25 -10.83
N LEU A 42 -3.63 3.72 -9.72
CA LEU A 42 -2.70 2.95 -8.91
C LEU A 42 -3.43 1.72 -8.32
N CYS A 43 -4.66 1.92 -7.80
CA CYS A 43 -5.50 0.87 -7.22
C CYS A 43 -5.84 -0.18 -8.26
N ARG A 44 -6.29 0.25 -9.46
CA ARG A 44 -6.62 -0.68 -10.54
C ARG A 44 -5.39 -1.46 -10.98
N ALA A 45 -4.21 -0.82 -11.14
CA ALA A 45 -2.99 -1.53 -11.56
C ALA A 45 -2.56 -2.54 -10.49
N PHE A 46 -2.76 -2.21 -9.22
CA PHE A 46 -2.43 -3.08 -8.09
C PHE A 46 -3.38 -4.29 -8.12
N ARG A 47 -4.67 -4.03 -8.34
CA ARG A 47 -5.71 -5.03 -8.42
C ARG A 47 -5.45 -5.99 -9.60
N ASP A 48 -5.18 -5.45 -10.78
CA ASP A 48 -4.93 -6.20 -12.01
C ASP A 48 -3.56 -6.88 -12.09
N GLY A 49 -2.65 -6.49 -11.22
CA GLY A 49 -1.31 -7.08 -11.22
C GLY A 49 -0.44 -6.54 -12.34
N ARG A 50 -0.66 -5.29 -12.73
CA ARG A 50 0.13 -4.66 -13.78
C ARG A 50 1.25 -3.86 -13.14
N SER A 51 2.37 -4.56 -12.83
CA SER A 51 3.54 -3.99 -12.17
C SER A 51 4.11 -2.73 -12.81
N GLU A 52 4.33 -2.74 -14.14
CA GLU A 52 4.91 -1.59 -14.80
C GLU A 52 3.96 -0.42 -14.82
N ASP A 53 2.66 -0.67 -14.96
CA ASP A 53 1.68 0.43 -14.90
C ASP A 53 1.58 0.96 -13.48
N PHE A 54 1.72 0.09 -12.47
CA PHE A 54 1.73 0.51 -11.08
C PHE A 54 2.93 1.41 -10.83
N ARG A 55 4.10 1.01 -11.33
CA ARG A 55 5.37 1.72 -11.20
C ARG A 55 5.32 3.09 -11.86
N ARG A 56 4.76 3.16 -13.08
CA ARG A 56 4.68 4.41 -13.82
C ARG A 56 3.63 5.34 -13.24
N THR A 57 2.51 4.78 -12.75
CA THR A 57 1.46 5.57 -12.14
C THR A 57 1.93 6.12 -10.81
N ARG A 58 2.63 5.31 -10.01
CA ARG A 58 3.16 5.76 -8.73
C ARG A 58 4.18 6.89 -8.93
N ASN A 59 4.97 6.84 -10.01
CA ASN A 59 5.92 7.89 -10.31
C ASN A 59 5.19 9.18 -10.65
N SER A 60 4.06 9.08 -11.39
CA SER A 60 3.23 10.22 -11.76
C SER A 60 2.58 10.82 -10.50
N ALA A 61 1.91 10.01 -9.68
CA ALA A 61 1.25 10.44 -8.45
C ALA A 61 2.26 11.07 -7.50
N GLU A 62 3.44 10.48 -7.38
CA GLU A 62 4.49 10.95 -6.51
C GLU A 62 5.00 12.33 -6.93
N ALA A 63 5.03 12.60 -8.24
CA ALA A 63 5.47 13.89 -8.74
C ALA A 63 4.38 14.94 -8.54
N ILE A 64 3.09 14.57 -8.72
CA ILE A 64 1.95 15.47 -8.53
C ILE A 64 1.86 15.87 -7.08
N ILE A 65 1.98 14.89 -6.17
CA ILE A 65 1.94 15.09 -4.72
C ILE A 65 3.06 16.03 -4.28
N HIS A 66 4.26 15.88 -4.91
CA HIS A 66 5.41 16.75 -4.67
C HIS A 66 5.08 18.20 -4.96
N GLY A 67 4.20 18.45 -5.91
CA GLY A 67 3.80 19.80 -6.27
C GLY A 67 2.88 20.43 -5.24
N LEU A 68 2.14 19.63 -4.50
CA LEU A 68 1.21 20.08 -3.46
C LEU A 68 1.89 20.37 -2.11
N SER A 69 1.66 21.56 -1.53
CA SER A 69 2.26 21.89 -0.23
C SER A 69 1.26 21.81 0.94
N SER A 70 -0.05 21.82 0.66
CA SER A 70 -1.08 21.71 1.68
C SER A 70 -2.12 20.68 1.22
N LEU A 71 -2.50 19.74 2.10
CA LEU A 71 -3.47 18.71 1.73
C LEU A 71 -4.64 18.68 2.71
N THR A 72 -5.85 18.40 2.21
CA THR A 72 -7.03 18.30 3.07
C THR A 72 -7.06 16.91 3.77
N ALA A 73 -7.96 16.69 4.74
CA ALA A 73 -8.09 15.38 5.38
C ALA A 73 -8.30 14.23 4.36
N CYS A 74 -9.14 14.47 3.34
N CYS A 74 -9.13 14.50 3.33
CA CYS A 74 -9.43 13.49 2.28
CA CYS A 74 -9.47 13.58 2.25
C CYS A 74 -8.22 13.25 1.40
C CYS A 74 -8.25 13.29 1.37
N GLN A 75 -7.42 14.30 1.12
CA GLN A 75 -6.22 14.14 0.28
C GLN A 75 -5.12 13.40 1.01
N LEU A 76 -5.03 13.59 2.33
CA LEU A 76 -4.04 12.87 3.12
C LEU A 76 -4.35 11.39 3.10
N ARG A 77 -5.63 11.02 3.19
CA ARG A 77 -6.04 9.62 3.12
C ARG A 77 -5.63 9.02 1.79
N THR A 78 -5.87 9.74 0.69
CA THR A 78 -5.50 9.30 -0.65
C THR A 78 -4.00 9.03 -0.77
N ILE A 79 -3.14 9.96 -0.31
CA ILE A 79 -1.70 9.78 -0.47
C ILE A 79 -1.18 8.67 0.43
N TYR A 80 -1.77 8.46 1.62
CA TYR A 80 -1.33 7.40 2.51
C TYR A 80 -1.75 6.03 1.97
N ILE A 81 -2.90 5.94 1.28
CA ILE A 81 -3.35 4.68 0.68
C ILE A 81 -2.34 4.32 -0.45
N CYS A 82 -1.92 5.31 -1.24
CA CYS A 82 -0.95 5.10 -2.30
C CYS A 82 0.39 4.67 -1.73
N GLN A 83 0.83 5.28 -0.59
CA GLN A 83 2.08 4.94 0.08
C GLN A 83 2.03 3.49 0.58
N PHE A 84 0.86 3.10 1.14
CA PHE A 84 0.62 1.77 1.66
C PHE A 84 0.77 0.75 0.55
N LEU A 85 0.02 0.94 -0.56
CA LEU A 85 0.07 0.06 -1.73
C LEU A 85 1.48 -0.02 -2.34
N THR A 86 2.25 1.05 -2.25
CA THR A 86 3.61 1.13 -2.75
C THR A 86 4.54 0.20 -1.96
N ARG A 87 4.48 0.26 -0.64
CA ARG A 87 5.32 -0.58 0.19
C ARG A 87 4.95 -2.04 0.04
N ILE A 88 3.65 -2.31 -0.01
CA ILE A 88 3.19 -3.68 -0.17
C ILE A 88 3.75 -4.28 -1.44
N ALA A 89 3.75 -3.51 -2.51
CA ALA A 89 4.25 -4.00 -3.79
C ALA A 89 5.73 -4.31 -3.72
N ALA A 90 6.44 -3.68 -2.80
CA ALA A 90 7.87 -3.90 -2.68
C ALA A 90 8.18 -4.83 -1.53
N GLY A 91 7.18 -5.60 -1.10
CA GLY A 91 7.38 -6.46 0.04
C GLY A 91 8.48 -7.48 -0.12
N LYS A 92 8.61 -8.06 -1.31
CA LYS A 92 9.61 -9.10 -1.51
C LYS A 92 10.88 -8.54 -2.14
N THR A 93 10.93 -7.23 -2.34
CA THR A 93 12.09 -6.61 -2.95
C THR A 93 13.18 -6.32 -1.93
N LEU A 94 14.43 -6.52 -2.31
CA LEU A 94 15.55 -6.27 -1.40
C LEU A 94 16.05 -4.83 -1.49
N ASP A 95 15.24 -3.87 -1.07
CA ASP A 95 15.61 -2.46 -1.14
C ASP A 95 16.63 -2.11 -0.07
N ALA A 96 17.74 -1.50 -0.48
CA ALA A 96 18.78 -1.15 0.48
C ALA A 96 18.64 0.29 0.95
N GLN A 97 18.50 1.22 0.01
CA GLN A 97 18.40 2.63 0.38
C GLN A 97 17.16 2.87 1.22
N PHE A 98 16.06 2.24 0.86
CA PHE A 98 14.85 2.38 1.65
C PHE A 98 15.19 1.96 3.06
N GLU A 99 15.86 0.83 3.21
CA GLU A 99 16.26 0.36 4.53
C GLU A 99 17.41 1.20 5.08
N ASN A 100 18.14 1.86 4.19
CA ASN A 100 19.22 2.73 4.64
C ASN A 100 18.63 3.89 5.42
N ASP A 101 17.53 4.47 4.92
CA ASP A 101 16.88 5.57 5.61
C ASP A 101 15.82 5.08 6.57
N GLU A 102 14.96 4.17 6.11
CA GLU A 102 13.92 3.63 6.96
C GLU A 102 14.46 2.68 8.01
N ARG A 103 15.43 1.85 7.62
CA ARG A 103 15.99 0.85 8.54
C ARG A 103 15.00 -0.27 8.84
N ILE A 104 13.90 -0.31 8.11
CA ILE A 104 12.89 -1.34 8.31
C ILE A 104 12.47 -1.94 7.00
N THR A 105 11.78 -3.07 7.05
CA THR A 105 11.32 -3.71 5.83
C THR A 105 10.13 -2.98 5.26
N PRO A 106 9.90 -3.13 3.96
CA PRO A 106 8.77 -2.46 3.32
C PRO A 106 7.44 -2.81 3.97
N LEU A 107 7.23 -4.07 4.31
CA LEU A 107 5.98 -4.49 4.93
C LEU A 107 5.81 -3.87 6.30
N GLU A 108 6.92 -3.74 7.03
CA GLU A 108 6.86 -3.09 8.34
C GLU A 108 6.41 -1.66 8.16
N SER A 109 6.92 -1.01 7.12
CA SER A 109 6.54 0.36 6.84
C SER A 109 5.06 0.43 6.51
N ALA A 110 4.60 -0.53 5.73
CA ALA A 110 3.19 -0.57 5.37
C ALA A 110 2.34 -0.73 6.60
N LEU A 111 2.81 -1.51 7.55
CA LEU A 111 2.07 -1.74 8.77
C LEU A 111 1.90 -0.44 9.52
N MET A 112 2.95 0.37 9.57
CA MET A 112 2.87 1.65 10.25
C MET A 112 1.84 2.54 9.61
N ILE A 113 1.85 2.61 8.28
CA ILE A 113 0.87 3.42 7.59
C ILE A 113 -0.52 2.88 7.84
N TRP A 114 -0.67 1.57 7.74
CA TRP A 114 -1.98 0.95 7.91
C TRP A 114 -2.57 1.33 9.26
N GLY A 115 -1.72 1.36 10.27
CA GLY A 115 -2.19 1.67 11.61
C GLY A 115 -2.23 3.15 11.91
N SER A 116 -1.98 3.97 10.90
CA SER A 116 -1.98 5.41 11.09
C SER A 116 -3.00 6.10 10.19
N ILE A 117 -3.50 5.38 9.20
CA ILE A 117 -4.49 5.96 8.29
C ILE A 117 -5.80 6.17 9.02
N GLU A 118 -6.52 7.22 8.65
CA GLU A 118 -7.82 7.47 9.26
C GLU A 118 -8.83 6.55 8.63
N LYS A 119 -8.88 5.31 9.12
CA LYS A 119 -9.79 4.34 8.57
C LYS A 119 -10.45 3.55 9.66
N GLU A 120 -11.62 3.00 9.38
CA GLU A 120 -12.31 2.20 10.36
C GLU A 120 -11.49 0.96 10.65
N HIS A 121 -11.26 0.68 11.92
CA HIS A 121 -10.54 -0.53 12.29
C HIS A 121 -11.52 -1.67 12.29
N ASP A 122 -12.00 -2.03 11.11
CA ASP A 122 -12.96 -3.13 10.98
C ASP A 122 -12.24 -4.46 11.03
N LYS A 123 -12.98 -5.54 10.81
CA LYS A 123 -12.39 -6.86 10.84
C LYS A 123 -11.32 -6.99 9.78
N LEU A 124 -11.60 -6.46 8.60
CA LEU A 124 -10.65 -6.55 7.50
C LEU A 124 -9.35 -5.87 7.89
N HIS A 125 -9.45 -4.75 8.59
CA HIS A 125 -8.27 -4.04 9.01
C HIS A 125 -7.42 -4.96 9.83
N GLU A 126 -8.03 -5.64 10.78
CA GLU A 126 -7.29 -6.53 11.65
C GLU A 126 -6.69 -7.67 10.86
N GLU A 127 -7.48 -8.23 9.95
CA GLU A 127 -7.01 -9.35 9.16
C GLU A 127 -5.81 -8.93 8.33
N ILE A 128 -5.92 -7.79 7.66
CA ILE A 128 -4.81 -7.31 6.85
C ILE A 128 -3.61 -7.05 7.72
N GLN A 129 -3.81 -6.44 8.87
CA GLN A 129 -2.70 -6.13 9.75
C GLN A 129 -1.95 -7.37 10.16
N ASN A 130 -2.67 -8.39 10.59
CA ASN A 130 -2.02 -9.60 11.06
C ASN A 130 -1.27 -10.29 9.93
N LEU A 131 -1.87 -10.30 8.75
CA LEU A 131 -1.22 -10.92 7.61
C LEU A 131 0.10 -10.23 7.30
N ILE A 132 0.07 -8.90 7.27
CA ILE A 132 1.28 -8.15 6.95
C ILE A 132 2.35 -8.48 7.96
N LYS A 133 1.96 -8.55 9.22
CA LYS A 133 2.92 -8.85 10.26
C LYS A 133 3.60 -10.18 10.01
N ILE A 134 2.81 -11.22 9.80
CA ILE A 134 3.37 -12.54 9.59
C ILE A 134 4.20 -12.58 8.34
N GLN A 135 3.70 -11.98 7.27
CA GLN A 135 4.42 -12.01 6.00
C GLN A 135 5.70 -11.22 6.04
N ALA A 136 5.77 -10.20 6.90
CA ALA A 136 6.98 -9.42 7.03
C ALA A 136 8.11 -10.33 7.41
N ILE A 137 7.83 -11.32 8.24
CA ILE A 137 8.85 -12.28 8.63
C ILE A 137 9.02 -13.33 7.55
N ALA A 138 7.91 -13.81 7.01
CA ALA A 138 7.97 -14.87 6.01
C ALA A 138 8.75 -14.50 4.77
N VAL A 139 8.59 -13.27 4.30
CA VAL A 139 9.26 -12.87 3.09
C VAL A 139 10.77 -12.96 3.27
N CYS A 140 11.24 -12.62 4.46
CA CYS A 140 12.66 -12.68 4.73
C CYS A 140 13.12 -14.13 4.74
N MET A 141 12.31 -15.01 5.32
CA MET A 141 12.64 -16.42 5.33
C MET A 141 12.68 -16.94 3.91
N GLU A 142 11.73 -16.52 3.09
CA GLU A 142 11.71 -16.92 1.70
CA GLU A 142 11.71 -16.92 1.69
C GLU A 142 12.99 -16.54 0.89
N ASN A 143 13.50 -15.37 1.23
CA ASN A 143 14.71 -14.91 0.53
C ASN A 143 15.97 -15.44 1.19
N GLY A 144 15.82 -16.16 2.30
CA GLY A 144 16.96 -16.75 2.95
C GLY A 144 17.62 -15.94 4.04
N ASN A 145 17.06 -14.78 4.35
CA ASN A 145 17.60 -13.96 5.43
C ASN A 145 16.84 -14.23 6.70
N PHE A 146 17.32 -15.19 7.48
CA PHE A 146 16.63 -15.56 8.70
C PHE A 146 16.99 -14.66 9.86
N LYS A 147 18.18 -14.06 9.81
CA LYS A 147 18.56 -13.12 10.84
C LYS A 147 17.61 -11.94 10.80
N GLU A 148 17.32 -11.44 9.61
CA GLU A 148 16.41 -10.33 9.47
C GLU A 148 15.03 -10.73 9.93
N ALA A 149 14.66 -11.96 9.65
CA ALA A 149 13.36 -12.45 10.05
C ALA A 149 13.23 -12.31 11.55
N GLU A 150 14.31 -12.61 12.26
CA GLU A 150 14.30 -12.46 13.70
C GLU A 150 14.29 -10.97 14.05
N GLU A 151 15.05 -10.19 13.30
CA GLU A 151 15.07 -8.75 13.53
C GLU A 151 13.68 -8.13 13.30
N VAL A 152 12.98 -8.61 12.28
CA VAL A 152 11.63 -8.17 11.96
C VAL A 152 10.69 -8.67 13.07
N PHE A 153 10.85 -9.92 13.51
CA PHE A 153 10.03 -10.49 14.57
C PHE A 153 10.20 -9.69 15.86
N GLU A 154 11.44 -9.40 16.27
CA GLU A 154 11.71 -8.64 17.49
C GLU A 154 11.19 -7.23 17.40
N ARG A 155 11.18 -6.63 16.21
CA ARG A 155 10.65 -5.29 16.03
C ARG A 155 9.12 -5.24 16.12
N ILE A 156 8.44 -6.26 15.59
CA ILE A 156 6.97 -6.31 15.59
C ILE A 156 6.40 -6.83 16.93
N PHE A 157 7.01 -7.89 17.48
CA PHE A 157 6.55 -8.55 18.70
C PHE A 157 7.44 -8.35 19.96
N GLY A 158 7.70 -7.11 20.33
CA GLY A 158 8.48 -6.77 21.51
C GLY A 158 7.80 -7.10 22.82
N MET A 164 -0.59 -13.56 24.00
CA MET A 164 -0.19 -14.01 22.65
C MET A 164 0.71 -15.26 22.67
N PRO A 165 0.17 -16.47 22.97
CA PRO A 165 1.02 -17.68 23.01
C PRO A 165 1.63 -18.12 21.67
N PHE A 166 1.37 -17.36 20.60
CA PHE A 166 1.95 -17.63 19.29
C PHE A 166 3.34 -16.99 19.11
N LYS A 167 3.79 -16.13 20.06
CA LYS A 167 5.11 -15.49 19.98
C LYS A 167 6.22 -16.53 20.11
N SER A 168 6.04 -17.52 20.98
CA SER A 168 7.02 -18.59 21.13
C SER A 168 6.99 -19.58 19.98
N LYS A 169 5.83 -19.75 19.31
CA LYS A 169 5.68 -20.59 18.12
C LYS A 169 6.40 -19.92 16.96
N LEU A 170 6.13 -18.62 16.70
CA LEU A 170 6.76 -17.88 15.61
C LEU A 170 8.27 -17.86 15.74
N LEU A 171 8.81 -17.58 16.94
CA LEU A 171 10.26 -17.59 17.14
C LEU A 171 10.83 -19.00 16.91
N MET A 172 10.05 -20.07 17.20
CA MET A 172 10.46 -21.47 16.98
C MET A 172 10.52 -21.79 15.49
N ILE A 173 9.53 -21.29 14.73
CA ILE A 173 9.43 -21.42 13.28
C ILE A 173 10.63 -20.73 12.60
N ILE A 174 10.96 -19.53 13.04
CA ILE A 174 12.08 -18.78 12.47
C ILE A 174 13.39 -19.45 12.79
N SER A 175 13.56 -19.88 14.05
CA SER A 175 14.76 -20.55 14.50
C SER A 175 15.01 -21.86 13.75
N GLN A 176 13.92 -22.59 13.43
CA GLN A 176 14.04 -23.85 12.71
C GLN A 176 13.96 -23.71 11.18
N LYS A 177 13.98 -22.49 10.61
CA LYS A 177 13.88 -22.28 9.17
C LYS A 177 12.71 -23.06 8.52
N ASP A 178 11.59 -23.08 9.24
CA ASP A 178 10.38 -23.77 8.85
C ASP A 178 9.48 -22.86 8.00
N THR A 179 9.99 -22.45 6.84
CA THR A 179 9.31 -21.56 5.93
C THR A 179 7.95 -22.06 5.50
N PHE A 180 7.76 -23.38 5.43
CA PHE A 180 6.51 -23.94 4.92
C PHE A 180 5.60 -24.53 5.98
N HIS A 181 5.66 -23.99 7.21
CA HIS A 181 4.83 -24.36 8.35
C HIS A 181 3.35 -24.09 7.98
N SER A 182 2.39 -24.87 8.53
CA SER A 182 0.96 -24.66 8.25
C SER A 182 0.51 -23.24 8.57
N PHE A 183 1.07 -22.64 9.64
CA PHE A 183 0.80 -21.27 10.06
C PHE A 183 1.04 -20.29 8.92
N PHE A 184 2.15 -20.41 8.20
CA PHE A 184 2.45 -19.56 7.05
C PHE A 184 1.57 -19.87 5.84
N GLN A 185 0.92 -21.03 5.78
CA GLN A 185 0.00 -21.35 4.69
C GLN A 185 -1.40 -20.69 4.99
N HIS A 186 -1.74 -20.44 6.26
CA HIS A 186 -2.98 -19.76 6.61
C HIS A 186 -2.73 -18.24 6.49
N PHE A 187 -1.58 -17.77 6.96
CA PHE A 187 -1.19 -16.37 6.87
C PHE A 187 -0.21 -16.22 5.72
N SER A 188 -0.67 -16.52 4.52
CA SER A 188 0.18 -16.51 3.33
C SER A 188 0.25 -15.16 2.57
N TYR A 189 1.16 -15.05 1.58
CA TYR A 189 1.30 -13.86 0.78
C TYR A 189 0.04 -13.67 -0.04
N ASN A 190 -0.48 -14.74 -0.66
CA ASN A 190 -1.70 -14.69 -1.45
C ASN A 190 -2.89 -14.26 -0.61
N HIS A 191 -2.98 -14.74 0.65
CA HIS A 191 -4.07 -14.33 1.53
C HIS A 191 -3.95 -12.88 1.93
N MET A 192 -2.73 -12.38 2.07
CA MET A 192 -2.47 -10.97 2.39
C MET A 192 -2.93 -10.14 1.19
N MET A 193 -2.45 -10.49 0.01
CA MET A 193 -2.82 -9.84 -1.22
C MET A 193 -4.33 -9.85 -1.48
N GLU A 194 -5.02 -10.99 -1.34
CA GLU A 194 -6.47 -11.07 -1.55
C GLU A 194 -7.23 -10.14 -0.62
N LYS A 195 -6.83 -10.07 0.66
CA LYS A 195 -7.48 -9.22 1.65
C LYS A 195 -7.21 -7.75 1.35
N ILE A 196 -5.98 -7.42 0.95
CA ILE A 196 -5.63 -6.04 0.61
C ILE A 196 -6.39 -5.66 -0.67
N LYS A 197 -6.45 -6.56 -1.66
CA LYS A 197 -7.15 -6.38 -2.92
C LYS A 197 -8.64 -6.17 -2.73
N SER A 198 -9.24 -6.81 -1.72
N SER A 198 -9.25 -6.82 -1.72
CA SER A 198 -10.66 -6.63 -1.40
CA SER A 198 -10.69 -6.60 -1.47
C SER A 198 -10.88 -5.22 -0.81
C SER A 198 -10.89 -5.21 -0.81
N TYR A 199 -9.92 -4.73 0.01
CA TYR A 199 -9.98 -3.40 0.62
C TYR A 199 -9.84 -2.35 -0.51
N VAL A 200 -8.90 -2.58 -1.45
CA VAL A 200 -8.65 -1.73 -2.61
C VAL A 200 -9.95 -1.52 -3.41
N ASN A 201 -10.74 -2.60 -3.57
CA ASN A 201 -12.02 -2.57 -4.28
C ASN A 201 -13.04 -1.60 -3.68
N TYR A 202 -12.96 -1.34 -2.36
CA TYR A 202 -13.85 -0.38 -1.72
C TYR A 202 -13.37 1.06 -2.06
N VAL A 203 -12.03 1.28 -2.04
CA VAL A 203 -11.39 2.56 -2.40
C VAL A 203 -11.71 2.90 -3.86
N LEU A 204 -11.56 1.90 -4.74
CA LEU A 204 -11.80 1.94 -6.17
C LEU A 204 -13.26 2.35 -6.44
N SER A 205 -14.21 1.77 -5.68
N SER A 205 -14.21 1.77 -5.68
CA SER A 205 -15.65 2.07 -5.80
CA SER A 205 -15.63 2.07 -5.82
C SER A 205 -15.92 3.51 -5.37
C SER A 205 -15.95 3.48 -5.35
N GLU A 206 -15.24 3.97 -4.32
CA GLU A 206 -15.41 5.31 -3.80
C GLU A 206 -14.88 6.39 -4.76
N LYS A 207 -13.66 6.20 -5.28
CA LYS A 207 -13.04 7.17 -6.19
C LYS A 207 -13.42 7.03 -7.66
N SER A 208 -14.11 5.94 -8.04
CA SER A 208 -14.55 5.68 -9.42
C SER A 208 -15.31 6.85 -10.06
N SER A 209 -15.97 7.66 -9.21
CA SER A 209 -16.79 8.81 -9.60
C SER A 209 -16.06 10.15 -9.56
N THR A 210 -14.72 10.15 -9.42
CA THR A 210 -13.97 11.43 -9.36
C THR A 210 -13.98 12.15 -10.70
N PHE A 211 -13.88 13.48 -10.66
CA PHE A 211 -13.95 14.33 -11.85
C PHE A 211 -13.16 13.83 -13.06
N LEU A 212 -11.84 13.69 -12.95
CA LEU A 212 -11.02 13.35 -14.10
C LEU A 212 -11.41 12.03 -14.75
N MET A 213 -11.56 10.96 -13.97
CA MET A 213 -11.95 9.67 -14.54
C MET A 213 -13.38 9.67 -15.09
N LYS A 214 -14.32 10.35 -14.40
CA LYS A 214 -15.70 10.42 -14.84
C LYS A 214 -15.80 11.16 -16.17
N ALA A 215 -15.06 12.28 -16.31
CA ALA A 215 -15.05 13.05 -17.54
C ALA A 215 -14.38 12.26 -18.67
N ALA A 216 -13.25 11.60 -18.39
CA ALA A 216 -12.51 10.80 -19.36
C ALA A 216 -13.32 9.64 -19.94
N ALA A 217 -14.03 8.89 -19.07
CA ALA A 217 -14.87 7.78 -19.53
C ALA A 217 -16.03 8.30 -20.40
N LYS A 218 -16.57 9.50 -20.09
CA LYS A 218 -17.64 10.08 -20.91
C LYS A 218 -17.17 10.39 -22.34
N VAL A 219 -15.88 10.70 -22.52
CA VAL A 219 -15.32 10.97 -23.82
C VAL A 219 -15.23 9.67 -24.62
N VAL A 220 -14.74 8.57 -23.99
CA VAL A 220 -14.62 7.28 -24.67
C VAL A 220 -16.00 6.67 -24.98
N GLU A 221 -16.99 6.91 -24.10
CA GLU A 221 -18.34 6.42 -24.29
C GLU A 221 -19.02 7.19 -25.45
N SER A 222 -18.74 8.49 -25.58
CA SER A 222 -19.31 9.30 -26.66
C SER A 222 -18.64 9.03 -28.03
N LYS A 223 -17.42 8.44 -28.03
CA LYS A 223 -16.68 8.12 -29.25
C LYS A 223 -17.30 6.91 -29.99
N ARG A 224 -17.40 5.75 -29.34
CA ARG A 224 -17.96 4.56 -29.99
C ARG A 224 -19.45 4.36 -29.71
C1 GOL B . 2.17 -4.77 -9.09
O1 GOL B . 3.14 -3.84 -8.61
C2 GOL B . 1.17 -5.12 -8.02
O2 GOL B . 1.78 -5.13 -6.73
C3 GOL B . 0.53 -6.47 -8.26
O3 GOL B . -0.40 -6.79 -7.24
N1 LL0 C . 4.50 9.80 -0.62
N1 LL0 C . 5.28 11.23 -1.49
C4 LL0 C . 3.02 6.41 -4.40
C4 LL0 C . 5.28 6.04 -2.37
C5 LL0 C . 4.17 6.54 -3.64
C5 LL0 C . 4.20 6.50 -3.09
C6 LL0 C . 4.37 7.69 -2.87
C6 LL0 C . 3.79 7.82 -2.97
C7 LL0 C . 6.44 6.92 -2.21
C7 LL0 C . 2.22 7.55 -4.63
S1 LL0 C . 3.63 10.17 -1.92
S1 LL0 C . 4.00 10.37 -1.93
O1 LL0 C . 2.34 10.58 -1.44
O1 LL0 C . 3.06 10.44 -0.86
O2 LL0 C . 4.40 11.08 -2.70
O2 LL0 C . 3.61 10.85 -3.22
C1 LL0 C . 3.40 8.70 -2.88
C1 LL0 C . 4.49 8.68 -2.11
C2 LL0 C . 2.25 8.56 -3.64
C2 LL0 C . 5.57 8.21 -1.38
C3 LL0 C . 2.06 7.42 -4.40
C3 LL0 C . 5.96 6.88 -1.51
O3 LL0 C . 5.48 7.87 -2.11
O3 LL0 C . 2.74 8.33 -3.66
F1 LL0 C . 7.44 7.24 -1.39
F1 LL0 C . 1.87 6.38 -4.09
F2 LL0 C . 5.95 5.77 -1.72
F2 LL0 C . 1.08 8.09 -5.05
S DMS D . 13.23 -8.41 2.45
O DMS D . 12.47 -8.41 1.16
C1 DMS D . 14.59 -7.22 2.27
C2 DMS D . 14.29 -9.89 2.44
S DMS E . -1.68 -11.95 14.83
O DMS E . -0.61 -11.01 15.36
C1 DMS E . -0.97 -13.50 14.20
C2 DMS E . -2.61 -12.69 16.21
#